data_3NBA
#
_entry.id   3NBA
#
_cell.length_a   115.118
_cell.length_b   115.118
_cell.length_c   133.913
_cell.angle_alpha   90.00
_cell.angle_beta   90.00
_cell.angle_gamma   120.00
#
_symmetry.space_group_name_H-M   'P 3 2 1'
#
loop_
_entity.id
_entity.type
_entity.pdbx_description
1 polymer 'Phosphopantetheine adenylyltransferase'
2 non-polymer 'DIPHOSPHOMETHYLPHOSPHONIC ACID ADENOSYL ESTER'
3 non-polymer 'MAGNESIUM ION'
4 water water
#
_entity_poly.entity_id   1
_entity_poly.type   'polypeptide(L)'
_entity_poly.pdbx_seq_one_letter_code
;MGSSHHHHHHSSGLVPRGSHMTGAVCPGSFDPVTLGHVDIFERAAAQFDEVVVAILVNPAKTGMFDLDERIAMVKESTTH
LPNLRVQVGHGLVVDFVRSCGMTAIVKGLRTGTDFEYELQMAQMNKHIAGVDTFFVATAPRYSFVSSSLAKEVAMLGGDV
SELLPEPVNRRLRDRLN
;
_entity_poly.pdbx_strand_id   A,B,C,D
#
# COMPACT_ATOMS: atom_id res chain seq x y z
N MET A 21 5.05 17.64 10.15
CA MET A 21 5.73 16.74 11.15
C MET A 21 4.83 16.20 12.31
N THR A 22 4.57 14.88 12.26
CA THR A 22 3.81 14.14 13.27
C THR A 22 4.47 14.18 14.65
N GLY A 23 3.68 14.08 15.72
CA GLY A 23 4.23 14.10 17.06
C GLY A 23 3.26 13.77 18.19
N ALA A 24 3.79 13.22 19.27
CA ALA A 24 3.02 12.87 20.46
C ALA A 24 3.78 13.20 21.73
N VAL A 25 3.03 13.64 22.73
CA VAL A 25 3.57 13.90 24.02
C VAL A 25 3.24 12.75 24.94
N CYS A 26 4.26 12.23 25.61
N CYS A 26 4.25 12.25 25.64
CA CYS A 26 4.13 11.25 26.67
CA CYS A 26 4.04 11.22 26.63
C CYS A 26 4.19 11.93 28.03
C CYS A 26 4.15 11.78 28.04
N PRO A 27 3.03 12.23 28.62
CA PRO A 27 3.06 12.84 29.97
C PRO A 27 3.03 11.80 31.13
N GLY A 28 3.55 12.19 32.30
CA GLY A 28 3.60 11.38 33.50
C GLY A 28 4.46 12.07 34.57
N SER A 29 4.65 11.40 35.71
N SER A 29 4.65 11.40 35.70
CA SER A 29 5.48 11.97 36.77
CA SER A 29 5.44 11.94 36.79
C SER A 29 6.85 11.33 36.76
C SER A 29 6.82 11.31 36.79
N PHE A 30 6.95 10.17 36.13
CA PHE A 30 8.23 9.49 36.00
C PHE A 30 9.13 9.59 37.27
N ASP A 31 8.56 9.24 38.42
CA ASP A 31 9.24 9.35 39.70
C ASP A 31 9.35 7.98 40.40
N PRO A 32 10.32 7.15 39.97
CA PRO A 32 11.24 7.34 38.85
C PRO A 32 10.79 6.61 37.58
N VAL A 33 11.54 6.76 36.51
CA VAL A 33 11.19 6.13 35.28
C VAL A 33 11.44 4.64 35.49
N THR A 34 10.66 3.78 34.82
CA THR A 34 10.79 2.33 34.97
C THR A 34 11.06 1.78 33.60
N LEU A 35 11.53 0.54 33.54
CA LEU A 35 11.59 -0.16 32.28
C LEU A 35 10.21 -0.19 31.62
N GLY A 36 9.14 -0.03 32.39
CA GLY A 36 7.83 0.05 31.79
C GLY A 36 7.69 1.32 30.95
N HIS A 37 8.21 2.43 31.47
CA HIS A 37 8.14 3.70 30.77
C HIS A 37 8.98 3.70 29.53
N VAL A 38 10.17 3.13 29.67
CA VAL A 38 11.13 3.08 28.58
C VAL A 38 10.60 2.27 27.41
N ASP A 39 9.84 1.22 27.70
CA ASP A 39 9.27 0.45 26.61
C ASP A 39 8.30 1.37 25.86
N ILE A 40 7.54 2.17 26.58
CA ILE A 40 6.54 3.03 25.96
C ILE A 40 7.22 4.08 25.10
N PHE A 41 8.18 4.78 25.70
CA PHE A 41 9.05 5.72 25.01
C PHE A 41 9.55 5.17 23.68
N GLU A 42 10.15 3.98 23.74
CA GLU A 42 10.65 3.36 22.53
C GLU A 42 9.53 3.12 21.52
N ARG A 43 8.39 2.62 22.00
CA ARG A 43 7.35 2.21 21.09
C ARG A 43 6.70 3.46 20.46
N ALA A 44 6.60 4.52 21.24
CA ALA A 44 6.09 5.74 20.70
C ALA A 44 7.07 6.31 19.68
N ALA A 45 8.36 6.27 20.03
CA ALA A 45 9.42 6.81 19.18
C ALA A 45 9.52 6.09 17.84
N ALA A 46 9.16 4.82 17.81
CA ALA A 46 9.13 4.12 16.56
C ALA A 46 8.00 4.57 15.60
N GLN A 47 6.98 5.32 16.05
CA GLN A 47 5.85 5.60 15.16
C GLN A 47 5.56 7.10 14.92
N PHE A 48 6.15 7.98 15.72
CA PHE A 48 5.95 9.42 15.49
C PHE A 48 7.27 10.05 15.12
N ASP A 49 7.21 11.20 14.43
CA ASP A 49 8.45 11.94 14.05
C ASP A 49 9.17 12.40 15.28
N GLU A 50 8.48 13.07 16.17
CA GLU A 50 9.07 13.41 17.46
C GLU A 50 8.22 12.87 18.60
N VAL A 51 8.86 12.60 19.73
CA VAL A 51 8.14 12.34 20.98
C VAL A 51 8.67 13.30 22.05
N VAL A 52 7.79 13.88 22.84
CA VAL A 52 8.20 14.74 23.94
C VAL A 52 7.78 14.13 25.32
N VAL A 53 8.72 13.59 26.07
CA VAL A 53 8.41 13.13 27.41
C VAL A 53 8.14 14.36 28.28
N ALA A 54 6.91 14.47 28.77
CA ALA A 54 6.53 15.60 29.62
C ALA A 54 6.43 15.21 31.09
N ILE A 55 7.33 15.74 31.87
CA ILE A 55 7.36 15.46 33.27
C ILE A 55 6.49 16.48 34.00
N LEU A 56 5.31 16.04 34.45
CA LEU A 56 4.35 16.90 35.10
C LEU A 56 4.57 17.17 36.57
N VAL A 57 4.52 18.44 36.93
CA VAL A 57 4.65 18.89 38.31
C VAL A 57 3.39 18.56 39.12
N ASN A 58 3.53 17.83 40.22
CA ASN A 58 2.41 17.87 41.16
C ASN A 58 2.76 18.60 42.44
N PRO A 59 2.20 19.82 42.59
CA PRO A 59 2.48 20.69 43.73
C PRO A 59 1.86 20.15 45.04
N ALA A 60 0.84 19.30 44.91
CA ALA A 60 0.23 18.61 46.06
C ALA A 60 1.06 17.39 46.53
N LYS A 61 1.46 16.53 45.59
CA LYS A 61 2.16 15.29 45.93
C LYS A 61 3.67 15.45 45.86
N THR A 62 4.30 15.51 47.04
CA THR A 62 5.74 15.41 47.10
C THR A 62 6.13 13.96 46.77
N GLY A 63 7.26 13.80 46.10
CA GLY A 63 7.65 12.49 45.63
C GLY A 63 9.11 12.21 45.91
N MET A 64 9.60 11.08 45.43
CA MET A 64 10.88 10.60 45.88
C MET A 64 12.02 11.43 45.30
N PHE A 65 11.94 11.76 44.02
CA PHE A 65 12.99 12.53 43.35
C PHE A 65 12.48 13.92 42.94
N ASP A 66 13.39 14.88 42.77
N ASP A 66 13.44 14.83 42.73
CA ASP A 66 12.95 16.12 42.15
CA ASP A 66 13.15 16.15 42.18
C ASP A 66 13.34 16.17 40.68
C ASP A 66 13.36 16.15 40.66
N LEU A 67 12.75 17.11 39.97
CA LEU A 67 12.83 17.23 38.52
C LEU A 67 14.21 16.96 37.96
N ASP A 68 15.21 17.65 38.48
CA ASP A 68 16.49 17.47 37.86
C ASP A 68 16.87 16.00 37.82
N GLU A 69 16.68 15.31 38.94
CA GLU A 69 16.97 13.89 39.03
C GLU A 69 16.05 13.12 38.06
N ARG A 70 14.77 13.51 38.04
CA ARG A 70 13.79 12.89 37.14
C ARG A 70 14.23 13.00 35.68
N ILE A 71 14.38 14.24 35.19
CA ILE A 71 14.83 14.46 33.82
C ILE A 71 16.10 13.67 33.58
N ALA A 72 17.08 13.83 34.45
CA ALA A 72 18.35 13.16 34.27
C ALA A 72 18.20 11.65 34.08
N MET A 73 17.30 11.05 34.88
CA MET A 73 17.10 9.61 34.82
C MET A 73 16.47 9.24 33.50
N VAL A 74 15.48 10.01 33.06
CA VAL A 74 14.91 9.78 31.71
C VAL A 74 15.95 9.97 30.59
N LYS A 75 16.67 11.11 30.60
CA LYS A 75 17.76 11.34 29.63
C LYS A 75 18.77 10.22 29.57
N GLU A 76 19.24 9.74 30.71
CA GLU A 76 20.20 8.61 30.73
C GLU A 76 19.64 7.30 30.17
N SER A 77 18.33 7.10 30.31
CA SER A 77 17.70 5.84 29.86
C SER A 77 17.19 5.88 28.41
N THR A 78 17.19 7.08 27.82
CA THR A 78 16.66 7.28 26.47
C THR A 78 17.69 7.86 25.49
N THR A 79 18.97 7.49 25.63
CA THR A 79 20.01 8.14 24.81
C THR A 79 19.94 7.61 23.42
N HIS A 80 19.43 6.39 23.30
CA HIS A 80 19.29 5.71 22.03
C HIS A 80 18.08 6.21 21.23
N LEU A 81 17.39 7.26 21.71
CA LEU A 81 16.18 7.74 21.01
C LEU A 81 16.30 9.20 20.54
N PRO A 82 16.73 9.38 19.29
CA PRO A 82 17.07 10.74 18.85
C PRO A 82 15.87 11.69 18.73
N ASN A 83 14.77 11.14 18.21
CA ASN A 83 13.56 11.91 17.98
C ASN A 83 12.83 12.26 19.29
N LEU A 84 13.30 11.69 20.39
CA LEU A 84 12.70 11.90 21.70
C LEU A 84 13.42 13.04 22.43
N ARG A 85 12.67 13.90 23.10
CA ARG A 85 13.24 14.91 24.00
C ARG A 85 12.47 14.97 25.31
N VAL A 86 13.13 15.41 26.38
CA VAL A 86 12.52 15.50 27.70
C VAL A 86 12.37 16.93 28.20
N GLN A 87 11.27 17.21 28.87
CA GLN A 87 10.81 18.56 29.06
C GLN A 87 9.85 18.62 30.25
N VAL A 88 9.89 19.71 31.00
CA VAL A 88 9.01 19.85 32.15
C VAL A 88 7.69 20.44 31.69
N GLY A 89 6.58 19.84 32.13
CA GLY A 89 5.25 20.35 31.84
C GLY A 89 4.66 21.08 33.04
N HIS A 90 3.74 22.01 32.77
CA HIS A 90 3.01 22.74 33.83
C HIS A 90 1.56 22.89 33.38
N GLY A 91 0.63 22.94 34.32
CA GLY A 91 -0.76 23.22 33.93
C GLY A 91 -1.40 22.06 33.18
N LEU A 92 -2.32 22.37 32.25
CA LEU A 92 -3.09 21.37 31.52
C LEU A 92 -2.26 20.65 30.47
N VAL A 93 -2.27 19.33 30.54
CA VAL A 93 -1.59 18.57 29.53
C VAL A 93 -1.91 19.14 28.13
N VAL A 94 -3.17 19.37 27.82
CA VAL A 94 -3.50 19.80 26.47
C VAL A 94 -2.83 21.12 26.12
N ASP A 95 -2.71 22.04 27.07
CA ASP A 95 -2.00 23.29 26.83
C ASP A 95 -0.54 23.03 26.55
N PHE A 96 0.07 22.11 27.29
CA PHE A 96 1.42 21.74 27.02
C PHE A 96 1.58 21.17 25.62
N VAL A 97 0.63 20.36 25.18
CA VAL A 97 0.79 19.60 23.94
C VAL A 97 0.72 20.57 22.78
N ARG A 98 -0.23 21.49 22.90
CA ARG A 98 -0.46 22.50 21.89
C ARG A 98 0.74 23.44 21.82
N SER A 99 1.35 23.73 22.97
CA SER A 99 2.55 24.55 23.00
C SER A 99 3.75 23.86 22.34
N CYS A 100 3.73 22.54 22.22
CA CYS A 100 4.71 21.82 21.40
C CYS A 100 4.34 21.76 19.93
N GLY A 101 3.26 22.45 19.54
CA GLY A 101 2.75 22.34 18.16
C GLY A 101 2.35 20.91 17.82
N MET A 102 1.88 20.16 18.81
CA MET A 102 1.48 18.77 18.57
C MET A 102 0.00 18.64 18.86
N THR A 103 -0.62 17.52 18.47
CA THR A 103 -2.03 17.30 18.82
C THR A 103 -2.34 15.90 19.35
N ALA A 104 -1.37 15.26 19.98
CA ALA A 104 -1.53 13.86 20.37
C ALA A 104 -0.81 13.53 21.68
N ILE A 105 -1.46 12.71 22.50
CA ILE A 105 -0.86 12.16 23.73
C ILE A 105 -0.65 10.65 23.56
N VAL A 106 0.39 10.10 24.17
CA VAL A 106 0.62 8.66 24.18
C VAL A 106 0.82 8.19 25.62
N LYS A 107 0.02 7.20 26.05
CA LYS A 107 0.03 6.69 27.42
C LYS A 107 0.03 5.19 27.32
N GLY A 108 0.70 4.52 28.25
CA GLY A 108 0.52 3.08 28.45
C GLY A 108 -0.76 2.71 29.22
N LEU A 109 -1.24 1.49 29.00
CA LEU A 109 -2.36 0.94 29.72
C LEU A 109 -2.00 -0.44 30.16
N ARG A 110 -2.14 -0.68 31.46
CA ARG A 110 -1.97 -2.03 32.02
C ARG A 110 -3.26 -2.85 32.07
N THR A 111 -4.40 -2.23 32.36
CA THR A 111 -5.66 -2.99 32.55
C THR A 111 -6.87 -2.23 32.03
N GLY A 112 -7.99 -2.94 31.91
CA GLY A 112 -9.28 -2.36 31.56
C GLY A 112 -9.75 -1.25 32.50
N THR A 113 -9.40 -1.37 33.78
CA THR A 113 -9.68 -0.33 34.76
C THR A 113 -8.94 0.95 34.39
N ASP A 114 -7.65 0.85 34.08
CA ASP A 114 -6.88 2.01 33.69
C ASP A 114 -7.59 2.64 32.51
N PHE A 115 -7.96 1.80 31.54
CA PHE A 115 -8.63 2.30 30.35
C PHE A 115 -9.93 3.08 30.68
N GLU A 116 -10.78 2.50 31.52
CA GLU A 116 -12.03 3.16 31.88
C GLU A 116 -11.77 4.55 32.47
N TYR A 117 -10.67 4.66 33.20
CA TYR A 117 -10.26 5.89 33.81
C TYR A 117 -9.55 6.84 32.85
N GLU A 118 -8.56 6.36 32.09
CA GLU A 118 -7.95 7.16 31.04
C GLU A 118 -8.93 7.60 29.96
N LEU A 119 -9.96 6.79 29.68
CA LEU A 119 -10.98 7.13 28.68
C LEU A 119 -11.61 8.51 28.94
N GLN A 120 -12.03 8.70 30.18
CA GLN A 120 -12.69 9.94 30.54
CA GLN A 120 -12.67 9.94 30.65
C GLN A 120 -11.80 11.18 30.33
N MET A 121 -10.54 11.10 30.73
CA MET A 121 -9.57 12.17 30.55
CA MET A 121 -9.59 12.19 30.56
C MET A 121 -9.30 12.41 29.07
N ALA A 122 -9.23 11.32 28.30
CA ALA A 122 -8.99 11.46 26.88
C ALA A 122 -10.17 12.12 26.17
N GLN A 123 -11.39 11.74 26.54
CA GLN A 123 -12.55 12.34 25.90
C GLN A 123 -12.68 13.79 26.32
N MET A 124 -12.28 14.09 27.55
CA MET A 124 -12.28 15.47 28.02
C MET A 124 -11.21 16.27 27.22
N ASN A 125 -10.05 15.67 27.05
CA ASN A 125 -8.97 16.34 26.39
C ASN A 125 -9.30 16.62 24.90
N LYS A 126 -10.04 15.72 24.25
CA LYS A 126 -10.54 16.01 22.88
C LYS A 126 -11.55 17.16 22.92
N HIS A 127 -12.47 17.09 23.90
CA HIS A 127 -13.53 18.04 23.93
C HIS A 127 -12.91 19.44 24.05
N ILE A 128 -12.10 19.68 25.06
CA ILE A 128 -11.64 21.02 25.30
C ILE A 128 -10.54 21.50 24.33
N ALA A 129 -9.89 20.61 23.60
CA ALA A 129 -8.70 21.06 22.93
C ALA A 129 -8.36 20.39 21.60
N GLY A 130 -9.15 19.41 21.18
CA GLY A 130 -8.91 18.72 19.92
C GLY A 130 -7.67 17.84 20.02
N VAL A 131 -7.13 17.71 21.23
CA VAL A 131 -5.97 16.84 21.44
C VAL A 131 -6.40 15.40 21.56
N ASP A 132 -5.86 14.53 20.73
CA ASP A 132 -6.22 13.12 20.78
C ASP A 132 -5.23 12.31 21.67
N THR A 133 -5.62 11.10 22.07
CA THR A 133 -4.80 10.29 22.93
C THR A 133 -4.65 8.88 22.31
N PHE A 134 -3.43 8.36 22.24
CA PHE A 134 -3.22 7.03 21.74
C PHE A 134 -2.72 6.19 22.91
N PHE A 135 -3.19 4.94 22.98
CA PHE A 135 -2.86 4.14 24.09
C PHE A 135 -2.09 2.95 23.60
N VAL A 136 -1.03 2.57 24.30
CA VAL A 136 -0.38 1.30 23.96
C VAL A 136 -0.49 0.31 25.11
N ALA A 137 -0.70 -0.95 24.78
CA ALA A 137 -0.75 -1.98 25.83
C ALA A 137 0.65 -2.22 26.33
N THR A 138 0.79 -2.25 27.65
CA THR A 138 2.02 -2.63 28.34
C THR A 138 2.64 -3.89 27.77
N ALA A 139 3.95 -4.05 27.91
CA ALA A 139 4.62 -5.29 27.56
C ALA A 139 4.38 -6.34 28.67
N PRO A 140 4.08 -7.59 28.30
CA PRO A 140 3.75 -8.60 29.29
C PRO A 140 4.70 -8.64 30.47
N ARG A 141 6.01 -8.55 30.20
CA ARG A 141 7.12 -8.47 31.17
C ARG A 141 6.91 -7.45 32.28
N TYR A 142 6.37 -6.29 31.95
CA TYR A 142 6.42 -5.17 32.90
C TYR A 142 5.06 -4.76 33.35
N SER A 143 4.07 -5.59 33.05
CA SER A 143 2.70 -5.27 33.28
C SER A 143 2.42 -4.90 34.75
N PHE A 144 3.24 -5.41 35.67
CA PHE A 144 2.98 -5.19 37.09
C PHE A 144 3.84 -4.06 37.60
N VAL A 145 4.63 -3.48 36.70
CA VAL A 145 5.59 -2.46 37.07
C VAL A 145 4.97 -1.09 37.08
N SER A 146 5.10 -0.40 38.19
CA SER A 146 4.61 0.96 38.31
C SER A 146 5.56 1.63 39.27
N SER A 147 5.71 2.94 39.14
CA SER A 147 6.62 3.71 39.97
C SER A 147 6.30 3.62 41.46
N SER A 148 5.05 3.88 41.83
CA SER A 148 4.69 3.85 43.26
C SER A 148 4.96 2.49 43.87
N LEU A 149 4.52 1.41 43.22
CA LEU A 149 4.75 0.09 43.75
C LEU A 149 6.22 -0.27 43.81
N ALA A 150 7.00 0.03 42.78
CA ALA A 150 8.45 -0.16 42.84
C ALA A 150 9.09 0.63 44.00
N LYS A 151 8.67 1.87 44.23
CA LYS A 151 9.17 2.62 45.38
C LYS A 151 8.96 1.87 46.71
N GLU A 152 7.70 1.70 47.11
CA GLU A 152 7.35 0.94 48.31
C GLU A 152 8.12 -0.36 48.47
N VAL A 153 8.19 -1.18 47.43
CA VAL A 153 8.99 -2.38 47.56
C VAL A 153 10.45 -2.04 47.88
N ALA A 154 11.00 -1.04 47.18
CA ALA A 154 12.42 -0.68 47.32
C ALA A 154 12.68 -0.05 48.68
N MET A 155 11.74 0.76 49.15
CA MET A 155 11.78 1.34 50.48
C MET A 155 11.94 0.24 51.53
N LEU A 156 11.18 -0.86 51.35
CA LEU A 156 11.06 -1.90 52.35
C LEU A 156 12.13 -2.94 52.11
N GLY A 157 13.01 -2.69 51.16
CA GLY A 157 14.18 -3.55 51.03
C GLY A 157 14.12 -4.57 49.93
N GLY A 158 13.00 -4.64 49.20
CA GLY A 158 12.88 -5.62 48.09
C GLY A 158 13.75 -5.25 46.88
N ASP A 159 14.10 -6.23 46.07
CA ASP A 159 14.99 -5.98 44.91
C ASP A 159 14.16 -5.68 43.66
N VAL A 160 13.96 -4.40 43.40
CA VAL A 160 13.24 -3.99 42.19
C VAL A 160 14.17 -3.69 41.01
N SER A 161 15.42 -4.15 41.10
CA SER A 161 16.46 -3.73 40.16
C SER A 161 16.19 -4.19 38.73
N GLU A 162 15.51 -5.31 38.56
CA GLU A 162 15.20 -5.82 37.22
C GLU A 162 14.02 -5.11 36.56
N LEU A 163 13.44 -4.10 37.22
CA LEU A 163 12.25 -3.44 36.74
C LEU A 163 12.49 -1.96 36.37
N LEU A 164 13.73 -1.53 36.58
CA LEU A 164 14.15 -0.14 36.43
C LEU A 164 15.46 -0.06 35.65
N PRO A 165 15.64 1.02 34.85
CA PRO A 165 16.91 1.17 34.13
C PRO A 165 18.07 1.42 35.11
N GLU A 166 19.28 0.99 34.73
CA GLU A 166 20.48 1.20 35.55
C GLU A 166 20.68 2.65 36.06
N PRO A 167 20.42 3.67 35.20
CA PRO A 167 20.48 5.00 35.82
C PRO A 167 19.67 5.09 37.10
N VAL A 168 18.53 4.42 37.17
CA VAL A 168 17.68 4.54 38.35
C VAL A 168 18.23 3.68 39.49
N ASN A 169 18.76 2.52 39.15
CA ASN A 169 19.30 1.63 40.16
C ASN A 169 20.47 2.26 40.91
N ARG A 170 21.49 2.73 40.18
CA ARG A 170 22.62 3.45 40.77
C ARG A 170 22.19 4.52 41.79
N ARG A 171 21.18 5.33 41.43
CA ARG A 171 20.66 6.37 42.32
C ARG A 171 19.90 5.82 43.51
N LEU A 172 19.37 4.60 43.38
CA LEU A 172 18.68 3.96 44.49
C LEU A 172 19.69 3.38 45.47
N ARG A 173 20.73 2.76 44.91
CA ARG A 173 21.88 2.28 45.67
C ARG A 173 22.62 3.45 46.34
N ASP A 174 22.14 4.68 46.12
CA ASP A 174 22.65 5.84 46.83
C ASP A 174 21.70 6.28 47.92
N ARG A 175 20.44 5.90 47.79
CA ARG A 175 19.44 6.23 48.81
C ARG A 175 19.22 5.04 49.78
N LEU A 176 20.14 4.09 49.78
CA LEU A 176 20.18 3.07 50.84
C LEU A 176 20.81 3.70 52.08
N MET B 21 -13.47 -9.74 -14.45
CA MET B 21 -13.79 -8.81 -15.59
C MET B 21 -12.57 -8.19 -16.33
N THR B 22 -11.40 -8.23 -15.70
CA THR B 22 -10.16 -7.76 -16.39
C THR B 22 -9.44 -8.94 -17.09
N GLY B 23 -9.29 -8.86 -18.41
CA GLY B 23 -8.69 -9.95 -19.17
C GLY B 23 -7.84 -9.58 -20.38
N ALA B 24 -7.03 -10.55 -20.83
CA ALA B 24 -6.14 -10.30 -21.94
C ALA B 24 -5.93 -11.53 -22.78
N VAL B 25 -5.77 -11.31 -24.08
CA VAL B 25 -5.52 -12.38 -25.02
C VAL B 25 -4.03 -12.43 -25.32
N CYS B 26 -3.46 -13.63 -25.30
N CYS B 26 -3.49 -13.63 -25.36
CA CYS B 26 -2.08 -13.86 -25.73
CA CYS B 26 -2.10 -13.82 -25.74
C CYS B 26 -2.09 -14.52 -27.09
C CYS B 26 -2.06 -14.52 -27.08
N PRO B 27 -1.96 -13.74 -28.18
CA PRO B 27 -1.93 -14.30 -29.53
C PRO B 27 -0.55 -14.85 -29.88
N GLY B 28 -0.49 -15.80 -30.82
CA GLY B 28 0.76 -16.35 -31.28
C GLY B 28 0.58 -17.58 -32.16
N SER B 29 1.68 -18.06 -32.74
CA SER B 29 1.65 -19.27 -33.57
C SER B 29 1.96 -20.48 -32.73
N PHE B 30 2.82 -20.29 -31.74
CA PHE B 30 3.21 -21.40 -30.87
C PHE B 30 3.58 -22.65 -31.69
N ASP B 31 4.62 -22.50 -32.51
CA ASP B 31 5.02 -23.59 -33.41
C ASP B 31 6.52 -23.92 -33.26
N PRO B 32 6.94 -24.52 -32.12
CA PRO B 32 6.16 -24.94 -30.97
C PRO B 32 6.28 -23.98 -29.80
N VAL B 33 5.65 -24.34 -28.68
CA VAL B 33 5.73 -23.56 -27.46
C VAL B 33 7.11 -23.70 -26.87
N THR B 34 7.61 -22.62 -26.28
CA THR B 34 8.93 -22.62 -25.68
C THR B 34 8.79 -22.21 -24.24
N LEU B 35 9.83 -22.44 -23.45
CA LEU B 35 9.82 -21.93 -22.10
C LEU B 35 9.62 -20.42 -22.08
N GLY B 36 10.02 -19.71 -23.14
CA GLY B 36 9.69 -18.29 -23.27
C GLY B 36 8.20 -18.00 -23.23
N HIS B 37 7.41 -18.79 -23.96
CA HIS B 37 5.97 -18.61 -23.99
C HIS B 37 5.36 -18.94 -22.63
N VAL B 38 5.82 -20.02 -22.02
CA VAL B 38 5.27 -20.37 -20.72
C VAL B 38 5.46 -19.22 -19.74
N ASP B 39 6.67 -18.66 -19.71
CA ASP B 39 6.95 -17.52 -18.83
C ASP B 39 5.95 -16.37 -19.06
N ILE B 40 5.71 -16.03 -20.32
CA ILE B 40 4.75 -15.01 -20.65
C ILE B 40 3.36 -15.40 -20.14
N PHE B 41 3.01 -16.67 -20.30
CA PHE B 41 1.69 -17.17 -19.90
C PHE B 41 1.53 -17.02 -18.38
N GLU B 42 2.55 -17.41 -17.61
CA GLU B 42 2.48 -17.33 -16.15
C GLU B 42 2.36 -15.89 -15.75
N ARG B 43 3.22 -15.03 -16.32
CA ARG B 43 3.23 -13.62 -15.97
C ARG B 43 1.95 -12.87 -16.33
N ALA B 44 1.41 -13.15 -17.50
CA ALA B 44 0.10 -12.60 -17.86
C ALA B 44 -0.98 -13.11 -16.90
N ALA B 45 -0.91 -14.39 -16.54
CA ALA B 45 -1.95 -14.97 -15.68
C ALA B 45 -1.90 -14.43 -14.25
N ALA B 46 -0.75 -13.97 -13.81
CA ALA B 46 -0.64 -13.34 -12.47
C ALA B 46 -1.33 -11.96 -12.35
N GLN B 47 -1.72 -11.33 -13.47
CA GLN B 47 -2.14 -9.92 -13.41
C GLN B 47 -3.51 -9.65 -14.00
N PHE B 48 -4.07 -10.62 -14.71
CA PHE B 48 -5.38 -10.50 -15.31
C PHE B 48 -6.32 -11.57 -14.76
N ASP B 49 -7.59 -11.22 -14.55
CA ASP B 49 -8.55 -12.21 -14.04
C ASP B 49 -8.58 -13.40 -15.00
N GLU B 50 -8.70 -13.12 -16.30
CA GLU B 50 -8.58 -14.20 -17.30
C GLU B 50 -7.47 -13.96 -18.34
N VAL B 51 -6.91 -15.04 -18.88
CA VAL B 51 -6.06 -14.96 -20.06
C VAL B 51 -6.50 -16.00 -21.12
N VAL B 52 -6.62 -15.56 -22.36
CA VAL B 52 -6.96 -16.49 -23.44
C VAL B 52 -5.82 -16.54 -24.41
N VAL B 53 -5.16 -17.67 -24.45
CA VAL B 53 -4.15 -17.90 -25.44
C VAL B 53 -4.86 -18.14 -26.75
N ALA B 54 -4.53 -17.32 -27.74
CA ALA B 54 -5.09 -17.44 -29.08
C ALA B 54 -4.02 -18.01 -30.00
N ILE B 55 -4.23 -19.24 -30.43
CA ILE B 55 -3.32 -19.90 -31.37
C ILE B 55 -3.79 -19.54 -32.76
N LEU B 56 -3.00 -18.70 -33.44
CA LEU B 56 -3.41 -18.13 -34.71
C LEU B 56 -3.00 -18.99 -35.87
N VAL B 57 -4.02 -19.44 -36.59
CA VAL B 57 -3.89 -20.18 -37.85
C VAL B 57 -2.95 -19.45 -38.81
N ASN B 58 -2.23 -20.22 -39.62
CA ASN B 58 -1.56 -19.62 -40.77
C ASN B 58 -2.24 -20.04 -42.08
N PRO B 59 -2.48 -19.08 -42.99
CA PRO B 59 -2.73 -19.50 -44.38
C PRO B 59 -1.39 -19.76 -45.08
N ALA B 60 -1.25 -21.00 -45.58
CA ALA B 60 -0.08 -21.49 -46.34
C ALA B 60 0.41 -22.89 -45.90
N LYS B 61 0.25 -23.20 -44.60
CA LYS B 61 0.93 -24.34 -43.92
C LYS B 61 2.46 -24.12 -43.78
N THR B 62 2.84 -22.85 -43.56
CA THR B 62 4.22 -22.41 -43.40
C THR B 62 5.03 -23.12 -42.26
N GLY B 63 4.33 -23.77 -41.33
CA GLY B 63 4.91 -24.20 -40.05
C GLY B 63 5.10 -25.68 -39.79
N MET B 64 5.83 -25.99 -38.72
CA MET B 64 6.22 -27.37 -38.43
C MET B 64 5.07 -28.23 -37.90
N PHE B 65 4.30 -27.73 -36.95
CA PHE B 65 3.21 -28.53 -36.38
C PHE B 65 1.82 -28.06 -36.82
N ASP B 66 0.87 -28.99 -36.89
CA ASP B 66 -0.49 -28.64 -37.27
C ASP B 66 -1.25 -28.07 -36.06
N LEU B 67 -2.34 -27.38 -36.33
CA LEU B 67 -3.10 -26.70 -35.30
C LEU B 67 -3.37 -27.55 -34.05
N ASP B 68 -3.74 -28.83 -34.23
CA ASP B 68 -4.06 -29.74 -33.15
C ASP B 68 -2.88 -30.02 -32.23
N GLU B 69 -1.70 -30.22 -32.81
CA GLU B 69 -0.50 -30.46 -32.04
C GLU B 69 -0.05 -29.22 -31.26
N ARG B 70 -0.29 -28.06 -31.84
CA ARG B 70 0.01 -26.83 -31.16
C ARG B 70 -0.89 -26.59 -29.98
N ILE B 71 -2.19 -26.82 -30.17
CA ILE B 71 -3.12 -26.78 -29.05
C ILE B 71 -2.64 -27.73 -27.94
N ALA B 72 -2.42 -28.99 -28.27
CA ALA B 72 -1.94 -29.91 -27.28
C ALA B 72 -0.72 -29.36 -26.54
N MET B 73 0.24 -28.78 -27.27
CA MET B 73 1.49 -28.36 -26.66
C MET B 73 1.31 -27.21 -25.69
N VAL B 74 0.46 -26.25 -26.06
CA VAL B 74 0.12 -25.16 -25.20
C VAL B 74 -0.63 -25.70 -23.96
N LYS B 75 -1.54 -26.64 -24.22
CA LYS B 75 -2.31 -27.28 -23.13
C LYS B 75 -1.39 -28.00 -22.20
N GLU B 76 -0.50 -28.82 -22.75
CA GLU B 76 0.45 -29.53 -21.89
C GLU B 76 1.27 -28.61 -21.01
N SER B 77 1.54 -27.39 -21.48
CA SER B 77 2.46 -26.51 -20.75
C SER B 77 1.71 -25.53 -19.86
N THR B 78 0.38 -25.62 -19.85
CA THR B 78 -0.39 -24.68 -19.04
C THR B 78 -1.44 -25.29 -18.10
N THR B 79 -1.17 -26.48 -17.56
CA THR B 79 -2.17 -27.15 -16.70
C THR B 79 -2.27 -26.48 -15.33
N HIS B 80 -1.15 -25.91 -14.91
CA HIS B 80 -1.07 -25.22 -13.62
C HIS B 80 -1.69 -23.83 -13.58
N LEU B 81 -2.28 -23.38 -14.67
CA LEU B 81 -2.75 -22.01 -14.71
C LEU B 81 -4.27 -21.97 -14.86
N PRO B 82 -4.97 -21.86 -13.74
CA PRO B 82 -6.41 -21.99 -13.66
C PRO B 82 -7.21 -20.93 -14.43
N ASN B 83 -6.69 -19.71 -14.52
CA ASN B 83 -7.43 -18.62 -15.20
C ASN B 83 -7.02 -18.46 -16.65
N LEU B 84 -6.50 -19.53 -17.25
CA LEU B 84 -6.01 -19.45 -18.60
C LEU B 84 -6.77 -20.43 -19.49
N ARG B 85 -7.26 -19.95 -20.64
CA ARG B 85 -7.88 -20.83 -21.65
C ARG B 85 -7.15 -20.82 -23.00
N VAL B 86 -7.22 -21.94 -23.71
CA VAL B 86 -6.65 -22.06 -25.02
C VAL B 86 -7.76 -22.10 -26.08
N GLN B 87 -7.63 -21.26 -27.11
CA GLN B 87 -8.60 -21.20 -28.21
C GLN B 87 -7.89 -20.87 -29.52
N VAL B 88 -8.51 -21.27 -30.61
CA VAL B 88 -7.99 -21.01 -31.94
C VAL B 88 -8.53 -19.68 -32.44
N GLY B 89 -7.64 -18.83 -32.95
CA GLY B 89 -8.03 -17.56 -33.57
C GLY B 89 -8.09 -17.66 -35.09
N HIS B 90 -9.06 -16.97 -35.67
CA HIS B 90 -9.14 -16.85 -37.13
C HIS B 90 -9.15 -15.37 -37.48
N GLY B 91 -8.37 -14.99 -38.48
CA GLY B 91 -8.33 -13.57 -38.84
C GLY B 91 -7.85 -12.65 -37.74
N LEU B 92 -8.54 -11.51 -37.56
CA LEU B 92 -8.05 -10.41 -36.74
C LEU B 92 -8.06 -10.68 -35.25
N VAL B 93 -6.88 -10.57 -34.66
CA VAL B 93 -6.71 -10.61 -33.22
C VAL B 93 -7.72 -9.70 -32.56
N VAL B 94 -7.84 -8.46 -32.99
CA VAL B 94 -8.78 -7.58 -32.33
C VAL B 94 -10.21 -8.15 -32.32
N ASP B 95 -10.55 -8.91 -33.37
CA ASP B 95 -11.87 -9.53 -33.42
C ASP B 95 -11.97 -10.59 -32.35
N PHE B 96 -11.04 -11.53 -32.35
CA PHE B 96 -11.00 -12.54 -31.35
C PHE B 96 -11.05 -11.89 -29.97
N VAL B 97 -10.18 -10.91 -29.76
CA VAL B 97 -10.18 -10.24 -28.47
C VAL B 97 -11.57 -9.84 -28.05
N ARG B 98 -12.26 -9.06 -28.88
CA ARG B 98 -13.55 -8.52 -28.49
C ARG B 98 -14.62 -9.61 -28.38
N SER B 99 -14.52 -10.64 -29.21
CA SER B 99 -15.46 -11.73 -29.12
C SER B 99 -15.29 -12.49 -27.79
N CYS B 100 -14.20 -12.25 -27.07
CA CYS B 100 -13.99 -12.79 -25.73
C CYS B 100 -14.46 -11.82 -24.64
N GLY B 101 -15.01 -10.67 -25.01
CA GLY B 101 -15.43 -9.66 -24.02
C GLY B 101 -14.31 -8.86 -23.36
N MET B 102 -13.07 -9.02 -23.89
CA MET B 102 -11.88 -8.31 -23.42
C MET B 102 -11.55 -7.12 -24.31
N THR B 103 -10.59 -6.30 -23.88
CA THR B 103 -10.10 -5.18 -24.70
C THR B 103 -8.58 -5.06 -24.65
N ALA B 104 -7.88 -6.17 -24.37
CA ALA B 104 -6.45 -6.12 -24.16
C ALA B 104 -5.73 -7.32 -24.68
N ILE B 105 -4.52 -7.06 -25.19
CA ILE B 105 -3.64 -8.06 -25.75
C ILE B 105 -2.40 -8.03 -24.91
N VAL B 106 -1.78 -9.20 -24.75
CA VAL B 106 -0.49 -9.32 -24.04
C VAL B 106 0.54 -10.06 -24.87
N LYS B 107 1.68 -9.41 -25.05
CA LYS B 107 2.78 -9.96 -25.86
C LYS B 107 4.11 -9.83 -25.14
N GLY B 108 5.03 -10.71 -25.47
CA GLY B 108 6.40 -10.60 -24.94
C GLY B 108 7.28 -9.84 -25.93
N LEU B 109 8.32 -9.18 -25.42
CA LEU B 109 9.30 -8.49 -26.23
C LEU B 109 10.70 -8.94 -25.83
N ARG B 110 11.51 -9.39 -26.79
CA ARG B 110 12.93 -9.68 -26.55
C ARG B 110 13.85 -8.46 -26.76
N THR B 111 13.66 -7.70 -27.85
CA THR B 111 14.62 -6.63 -28.17
C THR B 111 13.91 -5.35 -28.45
N GLY B 112 14.64 -4.23 -28.42
CA GLY B 112 14.12 -2.91 -28.81
C GLY B 112 13.58 -2.93 -30.23
N THR B 113 14.12 -3.80 -31.05
CA THR B 113 13.70 -3.88 -32.43
C THR B 113 12.41 -4.71 -32.61
N ASP B 114 12.21 -5.70 -31.75
CA ASP B 114 10.89 -6.36 -31.60
C ASP B 114 9.87 -5.29 -31.20
N PHE B 115 10.27 -4.42 -30.28
CA PHE B 115 9.38 -3.35 -29.88
C PHE B 115 9.00 -2.47 -31.07
N GLU B 116 9.98 -2.05 -31.86
CA GLU B 116 9.66 -1.25 -33.00
C GLU B 116 8.68 -1.82 -34.03
N TYR B 117 8.74 -3.10 -34.37
CA TYR B 117 7.64 -3.72 -35.16
C TYR B 117 6.31 -3.79 -34.38
N GLU B 118 6.35 -4.30 -33.15
CA GLU B 118 5.14 -4.54 -32.40
C GLU B 118 4.37 -3.29 -32.07
N LEU B 119 5.08 -2.17 -31.88
CA LEU B 119 4.41 -0.91 -31.54
C LEU B 119 3.45 -0.50 -32.64
N GLN B 120 3.91 -0.67 -33.88
CA GLN B 120 3.03 -0.34 -34.98
C GLN B 120 1.73 -1.14 -34.96
N MET B 121 1.85 -2.46 -34.80
CA MET B 121 0.66 -3.32 -34.74
CA MET B 121 0.68 -3.34 -34.72
C MET B 121 -0.23 -2.85 -33.59
N ALA B 122 0.38 -2.57 -32.43
CA ALA B 122 -0.34 -2.09 -31.26
C ALA B 122 -1.11 -0.81 -31.53
N GLN B 123 -0.43 0.17 -32.11
CA GLN B 123 -1.05 1.45 -32.41
C GLN B 123 -2.25 1.29 -33.38
N MET B 124 -2.05 0.42 -34.38
CA MET B 124 -3.05 0.04 -35.37
C MET B 124 -4.25 -0.66 -34.73
N ASN B 125 -3.98 -1.70 -33.94
CA ASN B 125 -5.02 -2.33 -33.16
C ASN B 125 -5.78 -1.38 -32.25
N LYS B 126 -5.09 -0.43 -31.63
CA LYS B 126 -5.82 0.52 -30.80
C LYS B 126 -6.68 1.41 -31.68
N HIS B 127 -6.16 1.82 -32.84
CA HIS B 127 -6.91 2.67 -33.73
C HIS B 127 -8.18 2.01 -34.30
N ILE B 128 -8.08 0.78 -34.78
CA ILE B 128 -9.21 0.18 -35.46
C ILE B 128 -10.26 -0.43 -34.54
N ALA B 129 -9.97 -0.60 -33.26
CA ALA B 129 -10.85 -1.43 -32.44
C ALA B 129 -10.89 -1.04 -30.99
N GLY B 130 -10.06 -0.11 -30.60
CA GLY B 130 -9.99 0.27 -29.20
C GLY B 130 -9.30 -0.80 -28.34
N VAL B 131 -8.69 -1.82 -28.95
CA VAL B 131 -7.95 -2.82 -28.16
C VAL B 131 -6.53 -2.37 -27.80
N ASP B 132 -6.17 -2.49 -26.53
CA ASP B 132 -4.86 -2.04 -26.08
C ASP B 132 -3.89 -3.20 -26.03
N THR B 133 -2.60 -2.91 -26.04
CA THR B 133 -1.60 -3.96 -25.89
C THR B 133 -0.64 -3.72 -24.73
N PHE B 134 -0.39 -4.77 -23.95
CA PHE B 134 0.60 -4.68 -22.86
C PHE B 134 1.72 -5.61 -23.15
N PHE B 135 2.93 -5.07 -23.01
CA PHE B 135 4.13 -5.81 -23.34
C PHE B 135 4.88 -6.17 -22.08
N VAL B 136 5.46 -7.34 -22.14
CA VAL B 136 6.22 -7.88 -21.07
C VAL B 136 7.66 -8.15 -21.53
N ALA B 137 8.66 -7.64 -20.80
CA ALA B 137 10.06 -7.96 -21.15
C ALA B 137 10.37 -9.42 -20.84
N THR B 138 11.10 -10.03 -21.77
CA THR B 138 11.59 -11.38 -21.61
C THR B 138 12.35 -11.60 -20.30
N ALA B 139 12.28 -12.81 -19.81
CA ALA B 139 13.12 -13.19 -18.70
C ALA B 139 14.54 -13.37 -19.27
N PRO B 140 15.56 -12.90 -18.53
CA PRO B 140 16.93 -12.99 -19.00
C PRO B 140 17.28 -14.34 -19.58
N ARG B 141 16.95 -15.43 -18.89
CA ARG B 141 17.38 -16.77 -19.30
C ARG B 141 16.75 -17.24 -20.60
N TYR B 142 15.63 -16.63 -20.99
CA TYR B 142 14.98 -17.01 -22.26
C TYR B 142 15.11 -15.95 -23.34
N SER B 143 15.98 -15.00 -23.13
CA SER B 143 16.11 -13.88 -24.03
C SER B 143 16.40 -14.36 -25.44
N PHE B 144 17.12 -15.46 -25.62
CA PHE B 144 17.49 -15.86 -26.97
C PHE B 144 16.60 -16.92 -27.55
N VAL B 145 15.55 -17.28 -26.86
CA VAL B 145 14.77 -18.40 -27.29
C VAL B 145 13.64 -17.91 -28.18
N SER B 146 13.49 -18.57 -29.32
CA SER B 146 12.41 -18.31 -30.21
C SER B 146 12.01 -19.64 -30.90
N SER B 147 10.75 -19.76 -31.32
CA SER B 147 10.36 -20.97 -31.97
C SER B 147 11.24 -21.24 -33.18
N SER B 148 11.36 -20.25 -34.08
CA SER B 148 12.12 -20.54 -35.31
C SER B 148 13.55 -20.91 -34.99
N LEU B 149 14.21 -20.12 -34.14
CA LEU B 149 15.56 -20.51 -33.81
C LEU B 149 15.63 -21.93 -33.21
N ALA B 150 14.79 -22.25 -32.20
CA ALA B 150 14.82 -23.60 -31.63
C ALA B 150 14.62 -24.70 -32.68
N LYS B 151 13.70 -24.49 -33.61
CA LYS B 151 13.41 -25.44 -34.70
C LYS B 151 14.62 -25.65 -35.62
N GLU B 152 15.11 -24.55 -36.21
CA GLU B 152 16.29 -24.54 -37.04
C GLU B 152 17.40 -25.37 -36.39
N VAL B 153 17.59 -25.19 -35.08
CA VAL B 153 18.67 -25.85 -34.38
C VAL B 153 18.38 -27.33 -34.14
N ALA B 154 17.16 -27.64 -33.71
CA ALA B 154 16.85 -29.03 -33.32
C ALA B 154 16.80 -29.93 -34.55
N MET B 155 16.33 -29.41 -35.68
CA MET B 155 16.23 -30.21 -36.88
CA MET B 155 16.24 -30.21 -36.88
C MET B 155 17.61 -30.42 -37.53
N LEU B 156 18.66 -30.06 -36.78
CA LEU B 156 20.07 -30.22 -37.18
C LEU B 156 20.87 -30.85 -36.03
N GLY B 157 20.16 -31.45 -35.08
CA GLY B 157 20.81 -32.28 -34.08
C GLY B 157 21.21 -31.55 -32.81
N GLY B 158 20.92 -30.26 -32.75
CA GLY B 158 21.32 -29.45 -31.59
C GLY B 158 20.36 -29.64 -30.43
N ASP B 159 20.91 -29.69 -29.24
CA ASP B 159 20.15 -30.02 -28.06
C ASP B 159 19.50 -28.76 -27.45
N VAL B 160 18.22 -28.57 -27.74
CA VAL B 160 17.46 -27.44 -27.19
C VAL B 160 16.57 -27.80 -26.00
N SER B 161 16.76 -28.98 -25.45
CA SER B 161 15.90 -29.47 -24.39
C SER B 161 15.72 -28.52 -23.21
N GLU B 162 16.73 -27.73 -22.88
CA GLU B 162 16.65 -26.84 -21.73
C GLU B 162 15.84 -25.61 -22.03
N LEU B 163 15.41 -25.49 -23.29
CA LEU B 163 14.67 -24.33 -23.74
C LEU B 163 13.18 -24.63 -23.99
N LEU B 164 12.84 -25.92 -23.99
CA LEU B 164 11.50 -26.33 -24.35
C LEU B 164 10.86 -27.09 -23.21
N PRO B 165 9.54 -27.04 -23.09
CA PRO B 165 8.91 -28.00 -22.20
C PRO B 165 9.23 -29.42 -22.62
N GLU B 166 9.32 -30.31 -21.65
CA GLU B 166 9.74 -31.70 -21.89
C GLU B 166 8.95 -32.40 -23.04
N PRO B 167 7.61 -32.37 -23.00
CA PRO B 167 6.82 -33.05 -24.03
C PRO B 167 6.95 -32.44 -25.42
N VAL B 168 7.34 -31.19 -25.50
CA VAL B 168 7.61 -30.55 -26.78
C VAL B 168 8.91 -31.13 -27.31
N ASN B 169 9.90 -31.13 -26.44
CA ASN B 169 11.20 -31.63 -26.79
C ASN B 169 11.14 -33.10 -27.20
N ARG B 170 10.17 -33.83 -26.63
CA ARG B 170 9.93 -35.21 -27.04
C ARG B 170 9.48 -35.29 -28.49
N ARG B 171 8.49 -34.49 -28.85
CA ARG B 171 7.98 -34.45 -30.22
C ARG B 171 9.04 -34.12 -31.28
N LEU B 172 9.88 -33.12 -31.02
CA LEU B 172 10.94 -32.77 -31.97
C LEU B 172 11.86 -33.95 -32.22
N ARG B 173 12.26 -34.62 -31.15
CA ARG B 173 13.07 -35.85 -31.21
C ARG B 173 12.39 -36.93 -32.03
N ASP B 174 11.06 -36.92 -32.10
CA ASP B 174 10.31 -37.85 -32.94
C ASP B 174 10.22 -37.34 -34.36
N ARG B 175 11.24 -36.62 -34.79
CA ARG B 175 11.43 -36.30 -36.20
C ARG B 175 12.88 -36.59 -36.57
N LEU B 176 13.44 -37.64 -35.95
CA LEU B 176 14.76 -38.16 -36.26
C LEU B 176 14.74 -38.80 -37.66
N MET C 21 6.13 8.49 5.51
CA MET C 21 6.91 7.38 6.14
C MET C 21 6.42 6.90 7.55
N THR C 22 5.62 7.69 8.26
CA THR C 22 4.90 7.11 9.39
C THR C 22 3.59 6.54 8.84
N GLY C 23 3.21 5.36 9.31
CA GLY C 23 2.03 4.72 8.78
C GLY C 23 1.39 3.79 9.80
N ALA C 24 0.06 3.72 9.74
CA ALA C 24 -0.67 2.79 10.54
C ALA C 24 -1.73 2.08 9.70
N VAL C 25 -2.03 0.85 10.07
CA VAL C 25 -3.15 0.10 9.52
C VAL C 25 -4.37 0.03 10.46
N CYS C 26 -5.57 0.24 9.91
CA CYS C 26 -6.82 -0.03 10.63
C CYS C 26 -7.49 -1.27 10.09
N PRO C 27 -7.28 -2.42 10.75
CA PRO C 27 -7.92 -3.65 10.36
C PRO C 27 -9.36 -3.73 10.87
N GLY C 28 -10.19 -4.52 10.20
CA GLY C 28 -11.57 -4.70 10.61
C GLY C 28 -12.36 -5.35 9.50
N SER C 29 -13.62 -5.68 9.76
CA SER C 29 -14.52 -6.19 8.70
C SER C 29 -15.32 -5.06 8.05
N PHE C 30 -15.59 -4.01 8.80
CA PHE C 30 -16.39 -2.91 8.32
C PHE C 30 -17.59 -3.41 7.50
N ASP C 31 -18.42 -4.20 8.17
CA ASP C 31 -19.62 -4.77 7.57
C ASP C 31 -20.91 -4.26 8.25
N PRO C 32 -21.31 -3.02 7.98
CA PRO C 32 -20.63 -2.02 7.18
C PRO C 32 -19.88 -1.02 8.07
N VAL C 33 -19.14 -0.12 7.43
CA VAL C 33 -18.49 1.00 8.07
C VAL C 33 -19.54 1.76 8.82
N THR C 34 -19.18 2.29 9.98
CA THR C 34 -20.07 3.18 10.73
C THR C 34 -19.43 4.53 10.91
N LEU C 35 -20.17 5.47 11.49
CA LEU C 35 -19.57 6.74 11.91
C LEU C 35 -18.45 6.57 12.94
N GLY C 36 -18.52 5.51 13.75
CA GLY C 36 -17.49 5.15 14.71
C GLY C 36 -16.17 4.89 14.01
N HIS C 37 -16.20 3.93 13.08
CA HIS C 37 -15.10 3.71 12.13
C HIS C 37 -14.55 5.00 11.49
N VAL C 38 -15.42 5.76 10.86
CA VAL C 38 -14.98 6.95 10.15
C VAL C 38 -14.23 7.87 11.12
N ASP C 39 -14.71 7.96 12.34
CA ASP C 39 -14.06 8.74 13.36
C ASP C 39 -12.61 8.26 13.62
N ILE C 40 -12.40 6.95 13.68
CA ILE C 40 -11.07 6.39 13.95
C ILE C 40 -10.17 6.69 12.74
N PHE C 41 -10.73 6.46 11.54
CA PHE C 41 -10.04 6.79 10.32
C PHE C 41 -9.48 8.22 10.39
N GLU C 42 -10.35 9.21 10.60
CA GLU C 42 -9.96 10.61 10.66
C GLU C 42 -8.89 10.84 11.68
N ARG C 43 -9.08 10.21 12.84
CA ARG C 43 -8.22 10.45 13.98
C ARG C 43 -6.82 9.89 13.71
N ALA C 44 -6.73 8.75 13.05
CA ALA C 44 -5.44 8.15 12.64
C ALA C 44 -4.81 8.94 11.48
N ALA C 45 -5.64 9.32 10.51
CA ALA C 45 -5.15 10.08 9.33
C ALA C 45 -4.55 11.41 9.76
N ALA C 46 -5.07 12.02 10.80
CA ALA C 46 -4.47 13.22 11.34
C ALA C 46 -3.07 13.03 12.00
N GLN C 47 -2.67 11.80 12.34
CA GLN C 47 -1.46 11.64 13.10
C GLN C 47 -0.38 10.83 12.41
N PHE C 48 -0.71 10.19 11.31
CA PHE C 48 0.26 9.36 10.61
C PHE C 48 0.30 9.85 9.19
N ASP C 49 1.45 9.69 8.50
CA ASP C 49 1.56 10.13 7.10
C ASP C 49 0.64 9.32 6.22
N GLU C 50 0.56 8.01 6.49
CA GLU C 50 -0.32 7.12 5.74
C GLU C 50 -1.16 6.27 6.63
N VAL C 51 -2.42 6.09 6.24
CA VAL C 51 -3.35 5.18 6.85
C VAL C 51 -3.83 4.20 5.81
N VAL C 52 -3.83 2.92 6.15
CA VAL C 52 -4.38 1.87 5.31
C VAL C 52 -5.54 1.18 6.05
N VAL C 53 -6.74 1.32 5.51
CA VAL C 53 -7.88 0.59 6.02
C VAL C 53 -7.79 -0.81 5.43
N ALA C 54 -7.73 -1.82 6.29
CA ALA C 54 -7.56 -3.19 5.85
C ALA C 54 -8.81 -4.00 6.10
N ILE C 55 -9.49 -4.34 5.03
CA ILE C 55 -10.71 -5.10 5.14
C ILE C 55 -10.36 -6.57 5.19
N LEU C 56 -10.60 -7.18 6.34
CA LEU C 56 -10.10 -8.52 6.59
C LEU C 56 -11.09 -9.61 6.26
N VAL C 57 -10.60 -10.65 5.60
CA VAL C 57 -11.49 -11.74 5.23
C VAL C 57 -11.70 -12.69 6.41
N ASN C 58 -12.97 -13.02 6.64
CA ASN C 58 -13.33 -14.11 7.53
C ASN C 58 -14.17 -15.13 6.76
N PRO C 59 -13.80 -16.43 6.85
CA PRO C 59 -14.68 -17.46 6.23
C PRO C 59 -15.94 -17.69 7.05
N ALA C 60 -15.80 -18.03 8.33
CA ALA C 60 -16.96 -18.11 9.22
C ALA C 60 -16.99 -16.91 10.19
N LYS C 61 -17.93 -15.97 10.01
CA LYS C 61 -19.02 -16.05 9.01
C LYS C 61 -18.92 -15.03 7.86
N THR C 62 -19.64 -15.35 6.76
CA THR C 62 -19.94 -14.43 5.66
C THR C 62 -20.75 -13.22 6.19
N GLY C 63 -20.49 -12.04 5.65
CA GLY C 63 -21.12 -10.83 6.17
C GLY C 63 -22.52 -10.55 5.68
N MET C 64 -22.98 -9.34 5.84
CA MET C 64 -24.21 -8.94 5.22
C MET C 64 -23.84 -8.37 3.86
N PHE C 65 -22.76 -7.61 3.82
CA PHE C 65 -22.31 -6.97 2.59
C PHE C 65 -21.16 -7.75 1.99
N ASP C 66 -20.96 -7.61 0.68
CA ASP C 66 -19.86 -8.30 0.02
C ASP C 66 -18.60 -7.45 -0.06
N LEU C 67 -17.47 -8.14 -0.15
CA LEU C 67 -16.16 -7.52 -0.13
C LEU C 67 -16.05 -6.20 -0.91
N ASP C 68 -16.66 -6.14 -2.09
CA ASP C 68 -16.56 -4.94 -2.92
C ASP C 68 -17.51 -3.85 -2.46
N GLU C 69 -18.63 -4.28 -1.89
CA GLU C 69 -19.57 -3.34 -1.29
C GLU C 69 -18.88 -2.63 -0.12
N ARG C 70 -18.13 -3.40 0.66
CA ARG C 70 -17.35 -2.84 1.75
C ARG C 70 -16.23 -1.85 1.35
N ILE C 71 -15.43 -2.19 0.34
CA ILE C 71 -14.46 -1.27 -0.19
C ILE C 71 -15.15 0.02 -0.71
N ALA C 72 -16.26 -0.17 -1.40
CA ALA C 72 -16.93 0.97 -1.98
C ALA C 72 -17.37 1.88 -0.86
N MET C 73 -18.03 1.28 0.14
CA MET C 73 -18.47 1.99 1.36
C MET C 73 -17.33 2.72 2.08
N VAL C 74 -16.21 2.04 2.28
CA VAL C 74 -15.08 2.71 2.91
C VAL C 74 -14.52 3.85 2.04
N LYS C 75 -14.33 3.61 0.73
CA LYS C 75 -13.85 4.69 -0.19
C LYS C 75 -14.83 5.88 -0.14
N GLU C 76 -16.12 5.58 -0.25
CA GLU C 76 -17.12 6.64 -0.33
C GLU C 76 -17.22 7.53 0.90
N SER C 77 -16.70 7.06 2.04
CA SER C 77 -16.86 7.81 3.29
C SER C 77 -15.54 8.49 3.71
N THR C 78 -14.48 8.20 2.96
CA THR C 78 -13.17 8.69 3.29
C THR C 78 -12.56 9.61 2.20
N THR C 79 -13.42 10.14 1.33
CA THR C 79 -12.98 11.02 0.21
C THR C 79 -12.26 12.27 0.73
N HIS C 80 -12.59 12.67 1.96
CA HIS C 80 -11.93 13.81 2.60
C HIS C 80 -10.62 13.44 3.26
N LEU C 81 -10.20 12.19 3.14
CA LEU C 81 -8.93 11.77 3.73
C LEU C 81 -7.90 11.36 2.69
N PRO C 82 -7.10 12.32 2.21
CA PRO C 82 -6.25 12.04 1.06
C PRO C 82 -5.12 11.06 1.35
N ASN C 83 -4.62 11.03 2.58
CA ASN C 83 -3.58 10.06 2.97
C ASN C 83 -4.13 8.66 3.33
N LEU C 84 -5.41 8.40 3.06
CA LEU C 84 -6.03 7.11 3.41
C LEU C 84 -6.27 6.27 2.19
N ARG C 85 -5.85 5.00 2.27
CA ARG C 85 -6.06 4.03 1.21
CA ARG C 85 -6.14 4.05 1.21
C ARG C 85 -6.75 2.77 1.74
N VAL C 86 -7.46 2.04 0.88
CA VAL C 86 -8.14 0.82 1.27
C VAL C 86 -7.61 -0.41 0.51
N GLN C 87 -7.17 -1.43 1.24
CA GLN C 87 -6.73 -2.70 0.67
CA GLN C 87 -6.80 -2.71 0.62
C GLN C 87 -7.53 -3.81 1.37
N VAL C 88 -7.44 -5.03 0.86
CA VAL C 88 -8.15 -6.15 1.43
C VAL C 88 -7.11 -7.14 1.91
N GLY C 89 -7.26 -7.60 3.15
CA GLY C 89 -6.34 -8.60 3.71
C GLY C 89 -6.93 -10.00 3.89
N HIS C 90 -6.03 -10.98 3.79
CA HIS C 90 -6.33 -12.38 4.13
C HIS C 90 -5.27 -12.79 5.15
N GLY C 91 -5.61 -13.73 6.03
CA GLY C 91 -4.63 -14.23 7.00
C GLY C 91 -4.41 -13.33 8.20
N LEU C 92 -3.22 -13.45 8.81
CA LEU C 92 -2.85 -12.68 9.99
C LEU C 92 -2.74 -11.20 9.66
N VAL C 93 -3.29 -10.37 10.53
CA VAL C 93 -3.11 -8.92 10.40
C VAL C 93 -1.64 -8.52 10.34
N VAL C 94 -0.79 -9.14 11.15
CA VAL C 94 0.62 -8.75 11.17
C VAL C 94 1.29 -9.06 9.83
N ASP C 95 0.88 -10.12 9.16
CA ASP C 95 1.48 -10.38 7.86
C ASP C 95 1.06 -9.26 6.93
N PHE C 96 -0.22 -8.97 6.89
CA PHE C 96 -0.71 -7.85 6.13
C PHE C 96 0.00 -6.52 6.50
N VAL C 97 0.27 -6.31 7.79
CA VAL C 97 0.87 -5.04 8.21
C VAL C 97 2.29 -4.91 7.72
N ARG C 98 3.08 -5.97 7.96
N ARG C 98 3.09 -5.95 7.94
CA ARG C 98 4.47 -6.04 7.54
CA ARG C 98 4.49 -5.94 7.53
C ARG C 98 4.58 -5.81 6.02
C ARG C 98 4.59 -5.82 6.00
N SER C 99 3.57 -6.28 5.29
CA SER C 99 3.61 -6.18 3.84
C SER C 99 3.26 -4.79 3.28
N CYS C 100 2.81 -3.86 4.13
CA CYS C 100 2.56 -2.49 3.75
C CYS C 100 3.78 -1.68 4.09
N GLY C 101 4.82 -2.34 4.58
CA GLY C 101 6.01 -1.62 5.08
C GLY C 101 5.70 -0.82 6.33
N MET C 102 4.80 -1.32 7.15
CA MET C 102 4.36 -0.62 8.35
C MET C 102 4.57 -1.51 9.56
N THR C 103 4.63 -0.91 10.74
CA THR C 103 4.78 -1.72 11.93
C THR C 103 3.71 -1.40 12.98
N ALA C 104 2.56 -0.87 12.56
CA ALA C 104 1.63 -0.32 13.55
C ALA C 104 0.17 -0.47 13.19
N ILE C 105 -0.60 -0.96 14.15
CA ILE C 105 -2.03 -1.17 14.02
C ILE C 105 -2.68 -0.08 14.82
N VAL C 106 -3.79 0.44 14.31
CA VAL C 106 -4.65 1.38 15.06
C VAL C 106 -6.09 0.86 15.19
N LYS C 107 -6.63 0.86 16.40
CA LYS C 107 -7.99 0.36 16.68
C LYS C 107 -8.69 1.28 17.65
N GLY C 108 -10.03 1.33 17.55
CA GLY C 108 -10.87 2.04 18.53
C GLY C 108 -11.23 1.13 19.66
N LEU C 109 -11.44 1.71 20.84
CA LEU C 109 -11.90 0.95 22.01
C LEU C 109 -13.14 1.58 22.55
N ARG C 110 -14.16 0.77 22.78
CA ARG C 110 -15.39 1.24 23.44
C ARG C 110 -15.28 1.15 24.96
N THR C 111 -14.93 -0.02 25.49
CA THR C 111 -14.95 -0.23 26.96
C THR C 111 -13.71 -0.89 27.51
N GLY C 112 -13.57 -0.91 28.83
CA GLY C 112 -12.52 -1.66 29.46
C GLY C 112 -12.49 -3.12 29.04
N THR C 113 -13.66 -3.68 28.73
CA THR C 113 -13.75 -5.07 28.31
C THR C 113 -13.15 -5.26 26.93
N ASP C 114 -13.52 -4.41 25.98
CA ASP C 114 -12.83 -4.38 24.69
C ASP C 114 -11.32 -4.43 24.90
N PHE C 115 -10.82 -3.62 25.85
CA PHE C 115 -9.40 -3.49 26.02
C PHE C 115 -8.78 -4.83 26.40
N GLU C 116 -9.37 -5.51 27.37
CA GLU C 116 -8.84 -6.78 27.85
C GLU C 116 -8.73 -7.85 26.79
N TYR C 117 -9.71 -7.92 25.91
CA TYR C 117 -9.64 -8.78 24.75
C TYR C 117 -8.55 -8.34 23.75
N GLU C 118 -8.50 -7.06 23.41
CA GLU C 118 -7.60 -6.58 22.40
C GLU C 118 -6.19 -6.57 22.92
N LEU C 119 -6.04 -6.49 24.26
CA LEU C 119 -4.73 -6.50 24.87
C LEU C 119 -4.03 -7.85 24.58
N GLN C 120 -4.78 -8.94 24.63
CA GLN C 120 -4.22 -10.23 24.32
C GLN C 120 -3.76 -10.33 22.87
N MET C 121 -4.63 -9.89 21.98
CA MET C 121 -4.32 -9.81 20.58
C MET C 121 -3.06 -8.97 20.27
N ALA C 122 -2.98 -7.80 20.91
CA ALA C 122 -1.93 -6.84 20.68
C ALA C 122 -0.57 -7.40 21.08
N GLN C 123 -0.50 -8.00 22.27
CA GLN C 123 0.75 -8.54 22.78
C GLN C 123 1.17 -9.76 21.96
N MET C 124 0.19 -10.55 21.54
CA MET C 124 0.49 -11.69 20.69
C MET C 124 0.98 -11.22 19.31
N ASN C 125 0.43 -10.12 18.80
CA ASN C 125 0.93 -9.58 17.55
C ASN C 125 2.34 -9.03 17.72
N LYS C 126 2.64 -8.43 18.85
CA LYS C 126 3.96 -7.88 19.01
C LYS C 126 5.03 -8.96 19.14
N HIS C 127 4.76 -9.98 19.96
CA HIS C 127 5.59 -11.17 20.10
C HIS C 127 5.95 -11.86 18.76
N ILE C 128 4.98 -12.11 17.89
CA ILE C 128 5.22 -12.89 16.69
C ILE C 128 5.75 -12.10 15.50
N ALA C 129 5.73 -10.77 15.56
CA ALA C 129 6.05 -9.97 14.39
C ALA C 129 6.55 -8.56 14.64
N GLY C 130 6.84 -8.22 15.90
CA GLY C 130 7.25 -6.87 16.25
C GLY C 130 6.25 -5.78 15.85
N VAL C 131 4.99 -6.15 15.60
CA VAL C 131 4.00 -5.17 15.24
C VAL C 131 3.24 -4.63 16.45
N ASP C 132 3.24 -3.32 16.62
CA ASP C 132 2.65 -2.69 17.78
C ASP C 132 1.18 -2.27 17.50
N THR C 133 0.45 -1.92 18.54
CA THR C 133 -0.95 -1.51 18.38
C THR C 133 -1.21 -0.26 19.17
N PHE C 134 -1.86 0.72 18.52
CA PHE C 134 -2.20 1.95 19.19
C PHE C 134 -3.70 2.02 19.32
N PHE C 135 -4.18 2.35 20.51
CA PHE C 135 -5.61 2.29 20.74
C PHE C 135 -6.11 3.69 20.95
N VAL C 136 -7.33 3.91 20.53
CA VAL C 136 -7.89 5.23 20.57
C VAL C 136 -9.29 5.09 21.17
N ALA C 137 -9.58 5.89 22.20
CA ALA C 137 -10.87 5.80 22.85
C ALA C 137 -11.96 6.29 21.90
N THR C 138 -13.05 5.52 21.81
CA THR C 138 -14.27 5.96 21.14
C THR C 138 -14.61 7.46 21.41
N ALA C 139 -15.19 8.12 20.41
CA ALA C 139 -15.79 9.45 20.61
C ALA C 139 -17.07 9.27 21.43
N PRO C 140 -17.34 10.18 22.38
CA PRO C 140 -18.51 9.95 23.22
C PRO C 140 -19.76 9.61 22.42
N ARG C 141 -20.02 10.39 21.38
CA ARG C 141 -21.28 10.29 20.66
C ARG C 141 -21.52 8.96 19.90
N TYR C 142 -20.46 8.16 19.68
CA TYR C 142 -20.60 6.88 18.94
C TYR C 142 -20.20 5.65 19.76
N SER C 143 -20.08 5.84 21.06
CA SER C 143 -19.62 4.81 21.95
C SER C 143 -20.53 3.58 21.88
N PHE C 144 -21.79 3.75 21.49
CA PHE C 144 -22.66 2.59 21.42
C PHE C 144 -22.74 1.97 20.03
N VAL C 145 -22.10 2.60 19.06
CA VAL C 145 -22.21 2.13 17.71
C VAL C 145 -21.26 0.99 17.42
N SER C 146 -21.80 -0.11 16.94
CA SER C 146 -21.01 -1.21 16.43
C SER C 146 -21.78 -1.69 15.23
N SER C 147 -21.13 -2.35 14.28
CA SER C 147 -21.85 -2.63 13.03
C SER C 147 -22.83 -3.76 13.22
N SER C 148 -22.43 -4.74 14.03
CA SER C 148 -23.35 -5.83 14.29
C SER C 148 -24.62 -5.28 14.96
N LEU C 149 -24.49 -4.35 15.92
CA LEU C 149 -25.70 -3.87 16.60
C LEU C 149 -26.57 -3.02 15.69
N ALA C 150 -25.93 -2.20 14.86
CA ALA C 150 -26.66 -1.38 13.91
C ALA C 150 -27.45 -2.22 12.88
N LYS C 151 -26.84 -3.31 12.41
CA LYS C 151 -27.49 -4.26 11.51
C LYS C 151 -28.71 -4.92 12.17
N GLU C 152 -28.53 -5.42 13.38
CA GLU C 152 -29.62 -6.07 14.10
C GLU C 152 -30.80 -5.10 14.20
N VAL C 153 -30.54 -3.84 14.51
CA VAL C 153 -31.62 -2.89 14.68
C VAL C 153 -32.27 -2.56 13.34
N ALA C 154 -31.46 -2.39 12.30
CA ALA C 154 -32.00 -2.09 10.99
C ALA C 154 -32.86 -3.24 10.44
N MET C 155 -32.44 -4.49 10.61
CA MET C 155 -33.25 -5.63 10.16
C MET C 155 -34.66 -5.61 10.73
N LEU C 156 -34.81 -5.04 11.92
CA LEU C 156 -36.09 -5.01 12.60
C LEU C 156 -36.71 -3.62 12.52
N GLY C 157 -36.30 -2.80 11.56
CA GLY C 157 -36.99 -1.55 11.32
C GLY C 157 -36.63 -0.31 12.12
N GLY C 158 -35.62 -0.38 13.00
CA GLY C 158 -35.15 0.80 13.73
C GLY C 158 -34.32 1.69 12.81
N ASP C 159 -34.37 2.99 13.04
CA ASP C 159 -33.66 3.97 12.27
C ASP C 159 -32.22 4.17 12.82
N VAL C 160 -31.23 3.62 12.12
CA VAL C 160 -29.82 3.77 12.51
C VAL C 160 -29.08 4.77 11.61
N SER C 161 -29.82 5.55 10.86
CA SER C 161 -29.26 6.42 9.85
C SER C 161 -28.33 7.47 10.42
N GLU C 162 -28.53 7.88 11.66
CA GLU C 162 -27.67 8.89 12.24
C GLU C 162 -26.35 8.34 12.77
N LEU C 163 -26.16 7.04 12.66
CA LEU C 163 -24.98 6.36 13.20
C LEU C 163 -24.05 5.84 12.09
N LEU C 164 -24.57 5.84 10.87
CA LEU C 164 -23.84 5.37 9.72
C LEU C 164 -23.67 6.51 8.74
N PRO C 165 -22.68 6.40 7.84
CA PRO C 165 -22.56 7.47 6.83
C PRO C 165 -23.52 7.26 5.65
N GLU C 166 -23.85 8.36 4.96
CA GLU C 166 -24.79 8.37 3.81
C GLU C 166 -24.60 7.26 2.76
N PRO C 167 -23.36 7.03 2.29
CA PRO C 167 -23.13 5.86 1.45
C PRO C 167 -23.68 4.56 2.01
N VAL C 168 -23.79 4.44 3.33
CA VAL C 168 -24.19 3.17 3.91
C VAL C 168 -25.70 3.14 4.03
N ASN C 169 -26.23 4.24 4.57
CA ASN C 169 -27.64 4.45 4.64
C ASN C 169 -28.31 4.13 3.30
N ARG C 170 -27.73 4.66 2.22
CA ARG C 170 -28.11 4.34 0.84
C ARG C 170 -28.22 2.83 0.57
N ARG C 171 -27.11 2.11 0.73
CA ARG C 171 -27.14 0.67 0.48
C ARG C 171 -28.12 -0.07 1.38
N LEU C 172 -28.43 0.49 2.56
CA LEU C 172 -29.36 -0.17 3.50
C LEU C 172 -30.82 -0.02 3.12
N ARG C 173 -31.19 1.18 2.66
CA ARG C 173 -32.52 1.47 2.11
C ARG C 173 -32.96 0.40 1.11
N ASP C 174 -32.04 0.01 0.23
CA ASP C 174 -32.28 -1.01 -0.80
C ASP C 174 -32.09 -2.42 -0.25
N ARG C 175 -32.57 -2.63 0.98
CA ARG C 175 -32.70 -3.96 1.57
C ARG C 175 -33.91 -3.97 2.51
N LEU C 176 -34.54 -2.81 2.67
CA LEU C 176 -35.86 -2.70 3.28
C LEU C 176 -36.88 -3.56 2.51
N MET D 21 -9.01 -6.33 -6.96
CA MET D 21 -7.66 -6.74 -6.47
C MET D 21 -6.56 -6.95 -7.56
N THR D 22 -6.87 -6.74 -8.84
CA THR D 22 -5.78 -6.49 -9.81
C THR D 22 -5.30 -5.04 -9.70
N GLY D 23 -4.02 -4.82 -9.97
CA GLY D 23 -3.46 -3.50 -9.69
C GLY D 23 -2.09 -3.23 -10.25
N ALA D 24 -1.84 -1.99 -10.60
CA ALA D 24 -0.58 -1.60 -11.20
C ALA D 24 -0.15 -0.27 -10.69
N VAL D 25 1.15 -0.08 -10.61
CA VAL D 25 1.73 1.21 -10.29
C VAL D 25 2.34 1.88 -11.54
N CYS D 26 2.02 3.16 -11.74
CA CYS D 26 2.67 3.97 -12.75
C CYS D 26 3.65 4.96 -12.12
N PRO D 27 4.94 4.60 -12.03
CA PRO D 27 5.97 5.50 -11.52
C PRO D 27 6.41 6.57 -12.51
N GLY D 28 7.03 7.63 -11.98
CA GLY D 28 7.63 8.74 -12.75
C GLY D 28 7.90 9.98 -11.88
N SER D 29 8.63 10.97 -12.41
CA SER D 29 8.74 12.32 -11.78
C SER D 29 7.50 13.14 -11.98
N PHE D 30 6.86 12.97 -13.15
CA PHE D 30 5.72 13.77 -13.58
C PHE D 30 5.87 15.27 -13.36
N ASP D 31 6.92 15.81 -13.96
CA ASP D 31 7.38 17.15 -13.67
C ASP D 31 7.45 18.02 -14.94
N PRO D 32 6.27 18.38 -15.52
CA PRO D 32 4.93 18.10 -15.00
C PRO D 32 4.29 16.92 -15.73
N VAL D 33 3.13 16.50 -15.27
CA VAL D 33 2.39 15.48 -15.98
C VAL D 33 2.01 16.00 -17.40
N THR D 34 2.17 15.15 -18.41
CA THR D 34 1.81 15.52 -19.78
C THR D 34 0.58 14.75 -20.18
N LEU D 35 0.02 15.08 -21.35
CA LEU D 35 -1.03 14.26 -21.93
C LEU D 35 -0.53 12.84 -22.29
N GLY D 36 0.78 12.71 -22.43
CA GLY D 36 1.36 11.40 -22.64
C GLY D 36 1.14 10.52 -21.43
N HIS D 37 1.44 11.08 -20.26
CA HIS D 37 1.20 10.44 -18.96
C HIS D 37 -0.29 10.10 -18.72
N VAL D 38 -1.17 11.06 -18.99
CA VAL D 38 -2.61 10.86 -18.78
C VAL D 38 -3.13 9.74 -19.67
N ASP D 39 -2.67 9.67 -20.90
CA ASP D 39 -3.06 8.56 -21.79
C ASP D 39 -2.71 7.21 -21.10
N ILE D 40 -1.48 7.14 -20.58
CA ILE D 40 -0.96 5.95 -19.93
C ILE D 40 -1.85 5.61 -18.71
N PHE D 41 -2.08 6.60 -17.85
CA PHE D 41 -3.02 6.48 -16.72
C PHE D 41 -4.36 5.93 -17.13
N GLU D 42 -4.95 6.53 -18.16
CA GLU D 42 -6.25 6.10 -18.63
C GLU D 42 -6.21 4.67 -19.05
N ARG D 43 -5.16 4.30 -19.76
CA ARG D 43 -5.07 2.97 -20.32
C ARG D 43 -4.84 1.91 -19.26
N ALA D 44 -4.06 2.26 -18.25
CA ALA D 44 -3.87 1.36 -17.11
C ALA D 44 -5.19 1.18 -16.31
N ALA D 45 -5.85 2.30 -16.01
CA ALA D 45 -7.14 2.31 -15.33
C ALA D 45 -8.21 1.53 -16.09
N ALA D 46 -8.12 1.44 -17.40
CA ALA D 46 -9.12 0.64 -18.12
C ALA D 46 -8.94 -0.85 -17.87
N GLN D 47 -7.84 -1.26 -17.24
CA GLN D 47 -7.51 -2.69 -17.25
C GLN D 47 -7.25 -3.23 -15.87
N PHE D 48 -6.99 -2.38 -14.92
CA PHE D 48 -6.72 -2.86 -13.59
C PHE D 48 -7.79 -2.33 -12.66
N ASP D 49 -8.13 -3.15 -11.67
CA ASP D 49 -9.05 -2.76 -10.61
C ASP D 49 -8.56 -1.46 -10.03
N GLU D 50 -7.28 -1.38 -9.72
CA GLU D 50 -6.74 -0.20 -9.05
C GLU D 50 -5.43 0.24 -9.73
N VAL D 51 -5.26 1.55 -9.90
CA VAL D 51 -4.03 2.14 -10.37
C VAL D 51 -3.53 3.14 -9.34
N VAL D 52 -2.27 3.01 -8.93
CA VAL D 52 -1.63 4.04 -8.13
C VAL D 52 -0.60 4.79 -8.98
N VAL D 53 -0.69 6.11 -9.04
CA VAL D 53 0.37 6.85 -9.72
C VAL D 53 1.43 7.15 -8.69
N ALA D 54 2.70 6.83 -9.00
CA ALA D 54 3.77 7.00 -8.01
C ALA D 54 4.73 8.08 -8.42
N ILE D 55 4.71 9.18 -7.68
CA ILE D 55 5.57 10.33 -7.94
C ILE D 55 6.78 10.20 -7.07
N LEU D 56 7.94 10.13 -7.68
CA LEU D 56 9.15 9.96 -6.90
C LEU D 56 10.25 10.89 -7.35
N VAL D 57 10.99 11.42 -6.37
CA VAL D 57 11.93 12.53 -6.62
C VAL D 57 13.42 12.14 -6.65
N ASN D 58 14.09 12.51 -7.74
CA ASN D 58 15.56 12.51 -7.78
C ASN D 58 16.12 13.88 -7.32
N PRO D 59 17.23 13.88 -6.56
CA PRO D 59 17.89 15.16 -6.17
C PRO D 59 18.63 15.87 -7.33
N ALA D 60 19.03 15.13 -8.37
CA ALA D 60 19.55 15.75 -9.60
C ALA D 60 18.54 15.61 -10.75
N LYS D 61 17.90 16.70 -11.16
CA LYS D 61 18.06 18.05 -10.56
C LYS D 61 16.93 18.26 -9.54
N THR D 62 16.67 19.52 -9.19
CA THR D 62 15.34 19.84 -8.68
C THR D 62 14.46 19.92 -9.93
N GLY D 63 13.21 19.54 -9.77
CA GLY D 63 12.28 19.68 -10.86
C GLY D 63 11.94 21.14 -11.03
N MET D 64 10.96 21.39 -11.87
CA MET D 64 10.46 22.72 -12.06
C MET D 64 9.41 22.93 -10.99
N PHE D 65 8.72 21.85 -10.66
CA PHE D 65 7.64 21.89 -9.69
C PHE D 65 7.98 21.11 -8.44
N ASP D 66 7.38 21.48 -7.31
CA ASP D 66 7.57 20.74 -6.05
C ASP D 66 6.55 19.61 -5.93
N LEU D 67 6.86 18.62 -5.09
CA LEU D 67 5.99 17.44 -4.91
C LEU D 67 4.52 17.77 -4.69
N ASP D 68 4.26 18.84 -3.94
CA ASP D 68 2.89 19.28 -3.69
C ASP D 68 2.18 19.62 -4.98
N GLU D 69 2.84 20.43 -5.80
CA GLU D 69 2.25 20.85 -7.07
C GLU D 69 2.08 19.65 -8.01
N ARG D 70 3.12 18.82 -8.10
CA ARG D 70 3.08 17.61 -8.92
C ARG D 70 1.94 16.68 -8.57
N ILE D 71 1.60 16.61 -7.27
CA ILE D 71 0.49 15.77 -6.81
C ILE D 71 -0.83 16.32 -7.31
N ALA D 72 -1.00 17.63 -7.13
CA ALA D 72 -2.23 18.35 -7.47
C ALA D 72 -2.51 18.34 -8.96
N MET D 73 -1.44 18.54 -9.75
CA MET D 73 -1.47 18.40 -11.21
C MET D 73 -1.96 17.05 -11.67
N VAL D 74 -1.42 15.97 -11.09
CA VAL D 74 -1.96 14.64 -11.38
C VAL D 74 -3.43 14.57 -10.98
N LYS D 75 -3.73 14.96 -9.75
CA LYS D 75 -5.10 14.83 -9.25
C LYS D 75 -6.12 15.58 -10.08
N GLU D 76 -5.86 16.84 -10.38
CA GLU D 76 -6.82 17.60 -11.17
C GLU D 76 -6.90 17.06 -12.58
N SER D 77 -5.83 16.44 -13.08
CA SER D 77 -5.84 15.88 -14.42
C SER D 77 -6.51 14.51 -14.52
N THR D 78 -6.78 13.86 -13.38
CA THR D 78 -7.32 12.49 -13.36
C THR D 78 -8.69 12.31 -12.72
N THR D 79 -9.46 13.38 -12.59
CA THR D 79 -10.74 13.27 -11.85
C THR D 79 -11.73 12.30 -12.53
N HIS D 80 -11.51 12.01 -13.80
CA HIS D 80 -12.33 11.05 -14.57
C HIS D 80 -11.95 9.59 -14.36
N LEU D 81 -10.92 9.33 -13.56
CA LEU D 81 -10.47 7.97 -13.36
C LEU D 81 -10.69 7.53 -11.89
N PRO D 82 -11.88 6.96 -11.62
CA PRO D 82 -12.30 6.75 -10.23
C PRO D 82 -11.43 5.72 -9.54
N ASN D 83 -10.89 4.77 -10.31
CA ASN D 83 -10.07 3.74 -9.72
C ASN D 83 -8.60 4.13 -9.58
N LEU D 84 -8.30 5.41 -9.68
CA LEU D 84 -6.91 5.79 -9.62
C LEU D 84 -6.65 6.67 -8.42
N ARG D 85 -5.48 6.51 -7.81
CA ARG D 85 -5.04 7.40 -6.76
C ARG D 85 -3.56 7.80 -6.93
N VAL D 86 -3.15 8.83 -6.20
CA VAL D 86 -1.81 9.36 -6.32
C VAL D 86 -1.14 9.29 -4.96
N GLN D 87 0.19 9.17 -4.97
CA GLN D 87 0.98 8.88 -3.78
C GLN D 87 2.45 9.15 -4.07
N VAL D 88 3.18 9.66 -3.08
CA VAL D 88 4.61 9.88 -3.26
C VAL D 88 5.36 8.68 -2.75
N GLY D 89 6.40 8.28 -3.47
CA GLY D 89 7.22 7.15 -3.08
C GLY D 89 8.68 7.54 -3.01
N HIS D 90 9.39 7.01 -2.03
CA HIS D 90 10.81 7.25 -1.91
C HIS D 90 11.45 5.87 -2.12
N GLY D 91 12.76 5.81 -2.29
CA GLY D 91 13.47 4.53 -2.40
C GLY D 91 13.13 3.72 -3.64
N LEU D 92 13.29 2.41 -3.53
CA LEU D 92 13.04 1.48 -4.62
C LEU D 92 11.56 1.45 -5.03
N VAL D 93 11.33 1.52 -6.33
CA VAL D 93 9.99 1.39 -6.87
C VAL D 93 9.37 0.07 -6.42
N VAL D 94 10.18 -0.98 -6.28
CA VAL D 94 9.64 -2.29 -5.91
C VAL D 94 9.06 -2.29 -4.51
N ASP D 95 9.70 -1.59 -3.57
CA ASP D 95 9.15 -1.49 -2.22
C ASP D 95 7.81 -0.75 -2.24
N PHE D 96 7.72 0.32 -3.02
CA PHE D 96 6.46 1.03 -3.15
C PHE D 96 5.38 0.11 -3.70
N VAL D 97 5.75 -0.73 -4.65
CA VAL D 97 4.75 -1.57 -5.30
C VAL D 97 4.22 -2.60 -4.31
N ARG D 98 5.14 -3.31 -3.66
CA ARG D 98 4.77 -4.41 -2.78
C ARG D 98 3.97 -3.86 -1.63
N SER D 99 4.31 -2.65 -1.20
CA SER D 99 3.66 -2.08 -0.05
C SER D 99 2.26 -1.54 -0.36
N CYS D 100 1.87 -1.50 -1.64
CA CYS D 100 0.50 -1.24 -2.07
C CYS D 100 -0.24 -2.54 -2.29
N GLY D 101 0.40 -3.66 -2.03
CA GLY D 101 -0.23 -4.96 -2.21
C GLY D 101 -0.32 -5.44 -3.64
N MET D 102 0.50 -4.85 -4.52
CA MET D 102 0.49 -5.13 -5.95
C MET D 102 1.82 -5.75 -6.42
N THR D 103 1.85 -6.26 -7.64
CA THR D 103 3.06 -6.90 -8.18
C THR D 103 3.42 -6.39 -9.57
N ALA D 104 2.78 -5.31 -10.02
CA ALA D 104 3.03 -4.86 -11.39
C ALA D 104 3.23 -3.37 -11.57
N ILE D 105 4.24 -3.05 -12.37
CA ILE D 105 4.52 -1.68 -12.78
C ILE D 105 4.00 -1.56 -14.19
N VAL D 106 3.32 -0.47 -14.49
CA VAL D 106 2.95 -0.12 -15.84
C VAL D 106 3.70 1.15 -16.29
N LYS D 107 4.23 1.11 -17.51
CA LYS D 107 5.02 2.19 -18.07
C LYS D 107 4.77 2.39 -19.57
N GLY D 108 4.96 3.62 -20.02
CA GLY D 108 4.82 3.92 -21.44
C GLY D 108 6.17 3.85 -22.12
N LEU D 109 6.17 3.44 -23.38
CA LEU D 109 7.37 3.52 -24.21
C LEU D 109 7.12 4.30 -25.51
N ARG D 110 8.01 5.26 -25.77
CA ARG D 110 8.05 5.94 -27.07
C ARG D 110 8.81 5.12 -28.12
N THR D 111 9.98 4.57 -27.76
CA THR D 111 10.88 3.95 -28.77
C THR D 111 11.60 2.67 -28.36
N GLY D 112 12.09 1.95 -29.36
CA GLY D 112 12.90 0.76 -29.15
C GLY D 112 14.07 1.05 -28.24
N THR D 113 14.54 2.29 -28.25
CA THR D 113 15.65 2.67 -27.41
C THR D 113 15.20 2.81 -25.96
N ASP D 114 14.04 3.41 -25.72
CA ASP D 114 13.52 3.49 -24.36
C ASP D 114 13.38 2.07 -23.83
N PHE D 115 12.93 1.17 -24.71
CA PHE D 115 12.70 -0.18 -24.30
C PHE D 115 14.00 -0.83 -23.77
N GLU D 116 15.12 -0.60 -24.44
CA GLU D 116 16.41 -1.17 -24.05
C GLU D 116 16.84 -0.71 -22.67
N TYR D 117 16.52 0.52 -22.32
CA TYR D 117 16.84 1.05 -21.03
C TYR D 117 15.87 0.51 -19.93
N GLU D 118 14.57 0.51 -20.21
CA GLU D 118 13.55 0.01 -19.32
C GLU D 118 13.63 -1.52 -19.08
N LEU D 119 14.06 -2.28 -20.08
CA LEU D 119 14.17 -3.73 -19.94
C LEU D 119 15.15 -4.09 -18.83
N GLN D 120 16.26 -3.37 -18.79
CA GLN D 120 17.21 -3.56 -17.71
C GLN D 120 16.57 -3.39 -16.35
N MET D 121 15.95 -2.23 -16.12
CA MET D 121 15.27 -1.97 -14.85
C MET D 121 14.16 -2.97 -14.54
N ALA D 122 13.34 -3.31 -15.54
CA ALA D 122 12.36 -4.36 -15.41
C ALA D 122 12.98 -5.66 -14.88
N GLN D 123 14.03 -6.14 -15.55
CA GLN D 123 14.64 -7.41 -15.19
C GLN D 123 15.32 -7.37 -13.84
N MET D 124 15.97 -6.24 -13.52
CA MET D 124 16.52 -6.00 -12.20
C MET D 124 15.41 -6.02 -11.14
N ASN D 125 14.30 -5.36 -11.43
CA ASN D 125 13.20 -5.36 -10.52
C ASN D 125 12.60 -6.75 -10.32
N LYS D 126 12.52 -7.58 -11.35
CA LYS D 126 11.89 -8.86 -11.13
C LYS D 126 12.82 -9.72 -10.27
N HIS D 127 14.11 -9.63 -10.57
CA HIS D 127 15.13 -10.36 -9.85
C HIS D 127 15.15 -10.00 -8.36
N ILE D 128 15.07 -8.72 -8.00
CA ILE D 128 15.16 -8.37 -6.57
C ILE D 128 13.87 -8.49 -5.76
N ALA D 129 12.72 -8.53 -6.44
CA ALA D 129 11.45 -8.44 -5.72
C ALA D 129 10.26 -9.13 -6.36
N GLY D 130 10.49 -9.84 -7.45
CA GLY D 130 9.41 -10.58 -8.13
C GLY D 130 8.33 -9.68 -8.72
N VAL D 131 8.53 -8.38 -8.64
CA VAL D 131 7.60 -7.45 -9.27
C VAL D 131 7.80 -7.37 -10.81
N ASP D 132 6.71 -7.44 -11.55
CA ASP D 132 6.76 -7.54 -13.01
C ASP D 132 6.47 -6.17 -13.64
N THR D 133 6.83 -5.96 -14.89
CA THR D 133 6.53 -4.67 -15.55
C THR D 133 5.81 -4.89 -16.85
N PHE D 134 4.72 -4.16 -17.05
CA PHE D 134 3.96 -4.18 -18.30
C PHE D 134 4.18 -2.84 -19.00
N PHE D 135 4.56 -2.90 -20.26
CA PHE D 135 4.77 -1.68 -21.03
C PHE D 135 3.61 -1.48 -21.99
N VAL D 136 3.26 -0.22 -22.25
CA VAL D 136 2.32 0.09 -23.33
C VAL D 136 2.96 1.05 -24.34
N ALA D 137 2.64 0.89 -25.63
CA ALA D 137 3.18 1.78 -26.66
C ALA D 137 2.44 3.10 -26.61
N THR D 138 3.20 4.18 -26.54
CA THR D 138 2.67 5.53 -26.58
C THR D 138 1.58 5.68 -27.60
N ALA D 139 0.63 6.56 -27.29
CA ALA D 139 -0.35 7.03 -28.27
C ALA D 139 0.42 7.78 -29.39
N PRO D 140 0.11 7.52 -30.66
CA PRO D 140 0.82 8.13 -31.79
C PRO D 140 0.93 9.64 -31.66
N ARG D 141 -0.20 10.29 -31.37
CA ARG D 141 -0.23 11.74 -31.34
C ARG D 141 0.58 12.36 -30.20
N TYR D 142 0.98 11.58 -29.20
CA TYR D 142 1.84 12.13 -28.13
C TYR D 142 3.22 11.52 -28.11
N SER D 143 3.54 10.76 -29.14
CA SER D 143 4.82 10.13 -29.23
C SER D 143 6.00 11.09 -28.95
N PHE D 144 5.91 12.36 -29.32
CA PHE D 144 7.07 13.23 -29.14
C PHE D 144 7.08 14.03 -27.82
N VAL D 145 6.10 13.76 -26.95
CA VAL D 145 5.91 14.49 -25.72
C VAL D 145 6.71 13.91 -24.53
N SER D 146 7.47 14.76 -23.87
CA SER D 146 8.14 14.37 -22.66
C SER D 146 8.13 15.63 -21.85
N SER D 147 8.16 15.45 -20.54
CA SER D 147 8.19 16.54 -19.60
C SER D 147 9.39 17.43 -19.85
N SER D 148 10.54 16.84 -20.10
CA SER D 148 11.73 17.65 -20.23
C SER D 148 11.70 18.42 -21.54
N LEU D 149 11.18 17.81 -22.60
CA LEU D 149 11.10 18.57 -23.83
C LEU D 149 10.04 19.72 -23.78
N ALA D 150 8.85 19.41 -23.28
CA ALA D 150 7.82 20.41 -23.15
C ALA D 150 8.25 21.63 -22.33
N LYS D 151 8.96 21.40 -21.22
CA LYS D 151 9.50 22.47 -20.40
C LYS D 151 10.52 23.33 -21.16
N GLU D 152 11.42 22.69 -21.89
CA GLU D 152 12.44 23.41 -22.66
C GLU D 152 11.81 24.41 -23.64
N VAL D 153 10.82 23.91 -24.37
CA VAL D 153 10.17 24.70 -25.38
C VAL D 153 9.43 25.84 -24.70
N ALA D 154 8.69 25.52 -23.64
CA ALA D 154 7.91 26.51 -22.90
C ALA D 154 8.79 27.61 -22.30
N MET D 155 9.92 27.23 -21.70
CA MET D 155 10.84 28.21 -21.12
CA MET D 155 10.87 28.19 -21.13
C MET D 155 11.35 29.16 -22.21
N LEU D 156 11.06 28.83 -23.46
CA LEU D 156 11.59 29.60 -24.59
C LEU D 156 10.48 30.25 -25.42
N GLY D 157 9.25 30.17 -24.91
CA GLY D 157 8.12 30.88 -25.51
C GLY D 157 7.24 30.12 -26.50
N GLY D 158 7.56 28.83 -26.73
CA GLY D 158 6.77 28.02 -27.65
C GLY D 158 5.53 27.55 -26.94
N ASP D 159 4.50 27.20 -27.70
CA ASP D 159 3.22 26.82 -27.12
C ASP D 159 3.06 25.28 -27.06
N VAL D 160 3.18 24.74 -25.85
CA VAL D 160 3.07 23.31 -25.65
C VAL D 160 1.70 22.98 -25.08
N SER D 161 0.76 23.90 -25.24
CA SER D 161 -0.51 23.84 -24.52
C SER D 161 -1.36 22.66 -24.94
N GLU D 162 -1.31 22.30 -26.21
CA GLU D 162 -2.10 21.15 -26.68
C GLU D 162 -1.47 19.82 -26.30
N LEU D 163 -0.36 19.87 -25.59
CA LEU D 163 0.37 18.67 -25.21
C LEU D 163 0.22 18.37 -23.70
N LEU D 164 -0.16 19.40 -22.93
CA LEU D 164 -0.32 19.29 -21.48
C LEU D 164 -1.75 19.50 -21.07
N PRO D 165 -2.16 18.88 -19.93
CA PRO D 165 -3.54 19.09 -19.50
C PRO D 165 -3.72 20.50 -18.92
N GLU D 166 -4.94 21.01 -19.03
CA GLU D 166 -5.29 22.37 -18.57
C GLU D 166 -4.76 22.74 -17.17
N PRO D 167 -4.96 21.87 -16.16
CA PRO D 167 -4.33 21.99 -14.84
C PRO D 167 -2.84 22.22 -14.82
N VAL D 168 -2.14 22.00 -15.93
CA VAL D 168 -0.69 22.28 -15.97
C VAL D 168 -0.44 23.54 -16.78
N ASN D 169 -1.29 23.75 -17.77
CA ASN D 169 -1.22 24.95 -18.59
C ASN D 169 -1.48 26.17 -17.71
N ARG D 170 -2.46 26.03 -16.81
CA ARG D 170 -2.82 27.07 -15.85
C ARG D 170 -1.65 27.40 -14.95
N ARG D 171 -0.93 26.39 -14.48
CA ARG D 171 0.21 26.66 -13.62
C ARG D 171 1.39 27.22 -14.40
N LEU D 172 1.42 26.96 -15.71
CA LEU D 172 2.52 27.41 -16.56
C LEU D 172 2.44 28.87 -16.91
N ARG D 173 1.23 29.34 -17.22
CA ARG D 173 1.02 30.73 -17.59
C ARG D 173 1.64 31.60 -16.51
N ASP D 174 1.30 31.28 -15.27
CA ASP D 174 1.80 31.98 -14.10
C ASP D 174 3.20 31.45 -13.69
N ARG D 175 4.13 31.46 -14.66
CA ARG D 175 5.57 31.29 -14.39
C ARG D 175 6.38 32.25 -15.30
N LEU D 176 5.69 32.85 -16.28
CA LEU D 176 6.27 33.89 -17.15
C LEU D 176 5.34 35.13 -17.29
#